data_8WL4
#
_entry.id   8WL4
#
_cell.length_a   82.620
_cell.length_b   131.990
_cell.length_c   58.640
_cell.angle_alpha   90.00
_cell.angle_beta   90.00
_cell.angle_gamma   90.00
#
_symmetry.space_group_name_H-M   'C 1 2 1'
#
loop_
_entity.id
_entity.type
_entity.pdbx_description
1 polymer '2-dehydropantoate 2-reductase'
2 water water
#
_entity_poly.entity_id   1
_entity_poly.type   'polypeptide(L)'
_entity_poly.pdbx_seq_one_letter_code
;SEFMKIAIAGAGAMGSRFGVKLQEAGNQVTLIDNWSAHVDQINQAGLTVTTDDGVDHVYTMTAQHPEAVTDQFDLIILFT
KTMQMDAMLQQLAPVLTNHPIVLTLGNGIGNIETIERHVPKNQIVVGTTVWSSGLTGPGHITVTGGGSISLQAVVPDQFP
NLADLITTLNAAGLNASAADNVLAAIWKKAGLNSVLNTYCTLFDCNIGEFGALKNWQTLTATVLDEFQAVADAAQIQFSA
AAVTDLIAAQFPAAVNGNHYPSMHQDMANQRPTEIDFLNGYVAKLGQQLHVPTPANALLTQLIHSQEQLKQI
;
_entity_poly.pdbx_strand_id   A,B
#
# COMPACT_ATOMS: atom_id res chain seq x y z
N SER A 1 -11.55 -29.11 25.75
CA SER A 1 -10.39 -28.21 26.03
C SER A 1 -9.47 -28.01 24.81
N GLU A 2 -9.38 -29.00 23.93
CA GLU A 2 -8.62 -28.85 22.66
C GLU A 2 -9.36 -27.97 21.63
N PHE A 3 -10.56 -27.51 21.99
CA PHE A 3 -11.28 -26.51 21.21
C PHE A 3 -10.48 -25.21 21.14
N MET A 4 -10.40 -24.67 19.94
CA MET A 4 -9.90 -23.33 19.73
C MET A 4 -10.85 -22.65 18.75
N LYS A 5 -10.89 -21.33 18.78
CA LYS A 5 -11.54 -20.55 17.72
C LYS A 5 -10.48 -20.23 16.65
N ILE A 6 -10.76 -20.63 15.41
CA ILE A 6 -9.74 -20.75 14.36
C ILE A 6 -10.12 -20.01 13.06
N ALA A 7 -9.17 -19.23 12.52
CA ALA A 7 -9.33 -18.59 11.20
C ALA A 7 -8.35 -19.19 10.20
N ILE A 8 -8.79 -19.27 8.95
CA ILE A 8 -7.96 -19.74 7.85
C ILE A 8 -7.76 -18.57 6.88
N ALA A 9 -6.63 -17.85 7.00
CA ALA A 9 -6.33 -16.76 6.07
C ALA A 9 -5.62 -17.35 4.86
N GLY A 10 -6.37 -17.54 3.78
CA GLY A 10 -5.88 -18.27 2.62
C GLY A 10 -6.66 -19.56 2.51
N ALA A 11 -7.93 -19.43 2.16
CA ALA A 11 -8.84 -20.55 2.11
C ALA A 11 -8.77 -21.22 0.74
N GLY A 12 -7.56 -21.54 0.30
CA GLY A 12 -7.37 -22.24 -0.97
C GLY A 12 -7.52 -23.73 -0.77
N ALA A 13 -6.87 -24.51 -1.64
CA ALA A 13 -6.92 -25.97 -1.56
C ALA A 13 -6.61 -26.49 -0.16
N MET A 14 -5.44 -26.11 0.34
CA MET A 14 -4.93 -26.53 1.65
C MET A 14 -5.71 -25.94 2.82
N GLY A 15 -5.93 -24.63 2.77
CA GLY A 15 -6.64 -23.92 3.84
C GLY A 15 -8.06 -24.44 3.99
N SER A 16 -8.73 -24.60 2.84
CA SER A 16 -10.05 -25.19 2.80
C SER A 16 -10.02 -26.61 3.34
N ARG A 17 -9.05 -27.42 2.89
CA ARG A 17 -8.93 -28.79 3.40
C ARG A 17 -8.73 -28.84 4.94
N PHE A 18 -7.76 -28.07 5.44
CA PHE A 18 -7.52 -27.95 6.90
C PHE A 18 -8.75 -27.38 7.64
N GLY A 19 -9.46 -26.45 7.01
CA GLY A 19 -10.66 -25.87 7.61
C GLY A 19 -11.70 -26.93 7.95
N VAL A 20 -11.87 -27.89 7.04
CA VAL A 20 -12.90 -28.95 7.18
C VAL A 20 -12.60 -29.96 8.29
N LYS A 21 -11.39 -30.50 8.28
CA LYS A 21 -10.99 -31.51 9.27
C LYS A 21 -10.99 -30.90 10.67
N LEU A 22 -10.67 -29.61 10.77
CA LEU A 22 -10.72 -28.88 12.03
C LEU A 22 -12.15 -28.57 12.48
N GLN A 23 -13.05 -28.33 11.54
CA GLN A 23 -14.46 -28.13 11.86
C GLN A 23 -15.12 -29.43 12.30
N GLU A 24 -14.99 -30.47 11.46
CA GLU A 24 -15.53 -31.81 11.78
C GLU A 24 -15.01 -32.36 13.13
N ALA A 25 -13.90 -31.82 13.63
CA ALA A 25 -13.41 -32.16 14.97
C ALA A 25 -13.88 -31.18 16.07
N GLY A 26 -14.94 -30.42 15.79
CA GLY A 26 -15.61 -29.60 16.81
C GLY A 26 -15.13 -28.17 16.99
N ASN A 27 -14.07 -27.78 16.28
CA ASN A 27 -13.53 -26.42 16.36
C ASN A 27 -14.41 -25.45 15.57
N GLN A 28 -14.45 -24.18 15.98
CA GLN A 28 -15.22 -23.17 15.24
C GLN A 28 -14.30 -22.48 14.24
N VAL A 29 -14.52 -22.76 12.96
CA VAL A 29 -13.63 -22.28 11.89
C VAL A 29 -14.32 -21.29 10.91
N THR A 30 -13.58 -20.23 10.58
CA THR A 30 -13.96 -19.23 9.57
C THR A 30 -12.94 -19.32 8.45
N LEU A 31 -13.39 -19.41 7.19
CA LEU A 31 -12.44 -19.42 6.07
C LEU A 31 -12.35 -18.00 5.48
N ILE A 32 -11.13 -17.47 5.32
CA ILE A 32 -10.95 -16.10 4.79
C ILE A 32 -10.20 -16.10 3.46
N ASP A 33 -10.78 -15.40 2.48
CA ASP A 33 -10.25 -15.36 1.13
C ASP A 33 -10.74 -14.11 0.41
N ASN A 34 -10.05 -13.72 -0.66
CA ASN A 34 -10.49 -12.60 -1.50
C ASN A 34 -11.28 -13.02 -2.74
N TRP A 35 -11.16 -14.29 -3.15
CA TRP A 35 -11.83 -14.78 -4.36
C TRP A 35 -13.35 -14.87 -4.16
N SER A 36 -14.06 -13.83 -4.60
CA SER A 36 -15.53 -13.73 -4.47
C SER A 36 -16.34 -14.98 -4.77
N ALA A 37 -16.07 -15.62 -5.91
CA ALA A 37 -16.82 -16.82 -6.31
C ALA A 37 -16.65 -17.97 -5.29
N HIS A 38 -15.47 -18.03 -4.70
CA HIS A 38 -15.13 -19.04 -3.69
C HIS A 38 -15.98 -18.80 -2.42
N VAL A 39 -15.72 -17.66 -1.74
CA VAL A 39 -16.40 -17.25 -0.51
C VAL A 39 -17.92 -17.32 -0.59
N ASP A 40 -18.47 -16.83 -1.69
CA ASP A 40 -19.93 -16.83 -1.93
C ASP A 40 -20.46 -18.25 -2.15
N GLN A 41 -19.67 -19.08 -2.84
CA GLN A 41 -20.08 -20.46 -3.10
C GLN A 41 -20.28 -21.24 -1.80
N ILE A 42 -19.44 -20.94 -0.80
CA ILE A 42 -19.47 -21.67 0.47
C ILE A 42 -20.61 -21.20 1.41
N ASN A 43 -20.87 -19.89 1.43
CA ASN A 43 -21.97 -19.33 2.23
C ASN A 43 -23.37 -19.71 1.73
N GLN A 44 -23.46 -20.05 0.45
CA GLN A 44 -24.72 -20.36 -0.23
C GLN A 44 -25.01 -21.86 -0.40
N ALA A 45 -23.97 -22.67 -0.64
CA ALA A 45 -24.13 -24.12 -0.89
C ALA A 45 -23.09 -25.06 -0.24
N GLY A 46 -22.30 -24.56 0.70
CA GLY A 46 -21.31 -25.38 1.40
C GLY A 46 -20.05 -25.69 0.60
N LEU A 47 -18.96 -26.02 1.30
CA LEU A 47 -17.74 -26.46 0.65
C LEU A 47 -17.90 -27.92 0.29
N THR A 48 -17.54 -28.26 -0.95
CA THR A 48 -17.58 -29.62 -1.45
C THR A 48 -16.18 -30.20 -1.44
N VAL A 49 -16.04 -31.44 -0.95
CA VAL A 49 -14.74 -32.10 -0.84
C VAL A 49 -14.82 -33.49 -1.49
N THR A 50 -14.42 -33.57 -2.77
CA THR A 50 -14.42 -34.83 -3.51
C THR A 50 -13.27 -35.72 -3.02
N THR A 51 -13.61 -36.86 -2.42
CA THR A 51 -12.62 -37.73 -1.76
C THR A 51 -11.97 -38.74 -2.70
N ASP A 52 -11.20 -39.67 -2.12
CA ASP A 52 -10.55 -40.71 -2.91
C ASP A 52 -11.63 -41.14 -3.86
N ASP A 53 -12.61 -41.87 -3.35
CA ASP A 53 -13.74 -42.24 -4.19
C ASP A 53 -14.28 -40.93 -4.75
N GLY A 54 -14.67 -40.90 -6.02
CA GLY A 54 -15.21 -39.68 -6.64
C GLY A 54 -16.56 -39.26 -6.04
N VAL A 55 -16.60 -39.14 -4.72
CA VAL A 55 -17.83 -38.92 -3.96
C VAL A 55 -17.82 -37.49 -3.43
N ASP A 56 -18.93 -36.78 -3.65
CA ASP A 56 -19.03 -35.36 -3.33
C ASP A 56 -19.61 -35.16 -1.91
N HIS A 57 -18.72 -34.81 -0.98
CA HIS A 57 -19.11 -34.50 0.40
C HIS A 57 -19.35 -32.99 0.58
N VAL A 58 -20.61 -32.59 0.57
CA VAL A 58 -21.00 -31.20 0.81
C VAL A 58 -20.92 -30.90 2.31
N TYR A 59 -20.08 -29.95 2.70
CA TYR A 59 -19.90 -29.56 4.10
C TYR A 59 -20.32 -28.11 4.33
N THR A 60 -21.16 -27.88 5.35
CA THR A 60 -21.61 -26.52 5.71
C THR A 60 -20.50 -25.75 6.42
N MET A 61 -20.07 -24.63 5.83
CA MET A 61 -18.95 -23.84 6.36
C MET A 61 -19.30 -22.36 6.42
N THR A 62 -18.54 -21.62 7.26
CA THR A 62 -18.59 -20.15 7.33
C THR A 62 -17.40 -19.51 6.54
N ALA A 63 -17.71 -18.70 5.52
CA ALA A 63 -16.68 -17.98 4.74
C ALA A 63 -16.92 -16.46 4.73
N GLN A 64 -15.82 -15.69 4.68
CA GLN A 64 -15.88 -14.22 4.64
C GLN A 64 -14.69 -13.58 3.90
N HIS A 65 -14.93 -12.43 3.27
CA HIS A 65 -13.83 -11.61 2.74
C HIS A 65 -13.09 -10.92 3.91
N PRO A 66 -11.73 -10.88 3.88
CA PRO A 66 -10.91 -10.38 5.00
C PRO A 66 -11.38 -9.06 5.64
N GLU A 67 -11.63 -8.03 4.84
CA GLU A 67 -12.15 -6.75 5.35
C GLU A 67 -13.47 -6.87 6.15
N ALA A 68 -14.22 -7.95 5.93
CA ALA A 68 -15.51 -8.17 6.60
C ALA A 68 -15.47 -9.18 7.74
N VAL A 69 -14.37 -9.17 8.51
CA VAL A 69 -14.28 -9.97 9.73
C VAL A 69 -14.03 -9.02 10.90
N THR A 70 -14.89 -9.09 11.91
CA THR A 70 -14.67 -8.41 13.18
C THR A 70 -14.48 -9.40 14.34
N ASP A 71 -14.61 -10.70 14.07
CA ASP A 71 -14.39 -11.73 15.09
C ASP A 71 -12.91 -11.89 15.44
N GLN A 72 -12.66 -12.50 16.60
CA GLN A 72 -11.31 -12.73 17.07
C GLN A 72 -11.12 -14.23 17.35
N PHE A 73 -9.89 -14.68 17.18
CA PHE A 73 -9.58 -16.09 17.13
C PHE A 73 -8.48 -16.38 18.12
N ASP A 74 -8.41 -17.64 18.56
CA ASP A 74 -7.32 -18.10 19.40
C ASP A 74 -6.12 -18.45 18.53
N LEU A 75 -6.39 -18.74 17.26
CA LEU A 75 -5.36 -19.16 16.34
C LEU A 75 -5.76 -18.75 14.92
N ILE A 76 -4.77 -18.24 14.19
CA ILE A 76 -4.93 -17.94 12.76
CA ILE A 76 -4.92 -17.92 12.77
C ILE A 76 -3.88 -18.71 11.99
N ILE A 77 -4.35 -19.50 11.02
CA ILE A 77 -3.46 -20.28 10.19
C ILE A 77 -3.38 -19.58 8.84
N LEU A 78 -2.21 -19.02 8.53
CA LEU A 78 -1.97 -18.35 7.25
C LEU A 78 -1.52 -19.29 6.18
N PHE A 79 -2.26 -19.32 5.08
CA PHE A 79 -1.83 -20.00 3.85
C PHE A 79 -1.52 -19.03 2.73
N THR A 80 -1.57 -17.73 3.05
CA THR A 80 -1.32 -16.68 2.08
C THR A 80 0.11 -16.77 1.55
N LYS A 81 0.21 -16.89 0.23
CA LYS A 81 1.48 -16.79 -0.46
C LYS A 81 2.12 -15.51 0.06
N THR A 82 3.44 -15.53 0.24
CA THR A 82 4.17 -14.40 0.82
C THR A 82 3.77 -13.06 0.21
N MET A 83 3.62 -13.03 -1.11
CA MET A 83 3.36 -11.78 -1.81
C MET A 83 2.05 -11.10 -1.40
N GLN A 84 1.00 -11.89 -1.17
CA GLN A 84 -0.30 -11.35 -0.80
C GLN A 84 -0.38 -11.08 0.70
N MET A 85 0.61 -11.59 1.44
CA MET A 85 0.56 -11.62 2.89
C MET A 85 0.44 -10.24 3.51
N ASP A 86 1.30 -9.33 3.09
CA ASP A 86 1.31 -7.99 3.67
C ASP A 86 -0.07 -7.35 3.57
N ALA A 87 -0.67 -7.39 2.37
CA ALA A 87 -2.04 -6.94 2.14
C ALA A 87 -3.05 -7.66 3.04
N MET A 88 -2.99 -8.99 3.08
CA MET A 88 -3.87 -9.82 3.90
C MET A 88 -3.76 -9.55 5.40
N LEU A 89 -2.56 -9.26 5.87
CA LEU A 89 -2.36 -8.87 7.28
C LEU A 89 -2.71 -7.41 7.50
N GLN A 90 -2.52 -6.58 6.48
CA GLN A 90 -2.96 -5.20 6.57
C GLN A 90 -4.45 -5.20 6.84
N GLN A 91 -5.18 -5.87 5.96
CA GLN A 91 -6.65 -5.91 6.01
C GLN A 91 -7.21 -6.60 7.26
N LEU A 92 -6.43 -7.47 7.90
CA LEU A 92 -6.85 -8.13 9.14
C LEU A 92 -6.35 -7.43 10.42
N ALA A 93 -5.58 -6.35 10.27
CA ALA A 93 -5.01 -5.59 11.41
C ALA A 93 -5.85 -5.54 12.70
N PRO A 94 -7.16 -5.23 12.58
CA PRO A 94 -8.01 -5.19 13.77
C PRO A 94 -8.08 -6.49 14.58
N VAL A 95 -8.19 -7.62 13.87
CA VAL A 95 -8.47 -8.92 14.51
C VAL A 95 -7.33 -9.45 15.40
N LEU A 96 -6.14 -8.89 15.25
CA LEU A 96 -4.93 -9.36 15.93
C LEU A 96 -4.63 -8.63 17.25
N THR A 97 -5.50 -7.70 17.62
CA THR A 97 -5.41 -7.00 18.90
C THR A 97 -5.28 -7.97 20.09
N ASN A 98 -5.97 -9.10 20.00
CA ASN A 98 -5.93 -10.14 21.04
C ASN A 98 -4.62 -10.95 21.11
N HIS A 99 -3.77 -10.80 20.09
CA HIS A 99 -2.46 -11.44 20.06
C HIS A 99 -2.58 -12.96 20.00
N PRO A 100 -3.16 -13.49 18.90
CA PRO A 100 -3.35 -14.92 18.84
C PRO A 100 -2.09 -15.60 18.31
N ILE A 101 -2.16 -16.92 18.19
CA ILE A 101 -1.10 -17.68 17.58
C ILE A 101 -1.23 -17.44 16.09
N VAL A 102 -0.09 -17.17 15.45
CA VAL A 102 -0.03 -17.07 14.00
C VAL A 102 0.77 -18.24 13.48
N LEU A 103 0.09 -19.12 12.75
CA LEU A 103 0.69 -20.34 12.27
C LEU A 103 0.83 -20.24 10.77
N THR A 104 1.98 -19.76 10.30
CA THR A 104 2.22 -19.68 8.87
C THR A 104 2.57 -21.04 8.28
N LEU A 105 1.71 -21.54 7.40
CA LEU A 105 1.98 -22.78 6.68
C LEU A 105 2.14 -22.57 5.16
N GLY A 106 2.14 -21.31 4.72
CA GLY A 106 2.44 -21.01 3.32
C GLY A 106 3.90 -21.30 3.02
N ASN A 107 4.27 -21.15 1.76
CA ASN A 107 5.68 -21.24 1.35
C ASN A 107 6.26 -19.84 1.22
N GLY A 108 7.55 -19.74 1.49
CA GLY A 108 8.30 -18.51 1.31
C GLY A 108 9.18 -18.18 2.50
N ILE A 109 10.46 -17.93 2.22
CA ILE A 109 11.42 -17.52 3.26
C ILE A 109 11.16 -16.11 3.83
N GLY A 110 10.38 -15.30 3.12
CA GLY A 110 10.10 -13.95 3.55
C GLY A 110 9.00 -13.80 4.57
N ASN A 111 8.41 -14.92 4.99
CA ASN A 111 7.19 -14.88 5.80
C ASN A 111 7.40 -14.34 7.22
N ILE A 112 8.36 -14.88 7.95
CA ILE A 112 8.59 -14.44 9.32
C ILE A 112 8.82 -12.94 9.36
N GLU A 113 9.78 -12.47 8.55
CA GLU A 113 10.11 -11.05 8.49
C GLU A 113 8.86 -10.23 8.20
N THR A 114 8.12 -10.65 7.18
CA THR A 114 6.86 -10.00 6.82
C THR A 114 5.84 -10.00 7.97
N ILE A 115 5.73 -11.13 8.66
CA ILE A 115 4.77 -11.26 9.77
C ILE A 115 5.19 -10.44 10.99
N GLU A 116 6.50 -10.41 11.28
CA GLU A 116 7.05 -9.65 12.42
C GLU A 116 6.56 -8.20 12.51
N ARG A 117 6.31 -7.57 11.37
CA ARG A 117 5.79 -6.20 11.33
C ARG A 117 4.31 -6.05 11.73
N HIS A 118 3.59 -7.16 11.87
CA HIS A 118 2.15 -7.12 12.20
C HIS A 118 1.81 -7.68 13.59
N VAL A 119 2.63 -8.58 14.13
CA VAL A 119 2.40 -9.19 15.44
C VAL A 119 3.71 -9.36 16.19
N PRO A 120 3.64 -9.63 17.50
CA PRO A 120 4.86 -10.02 18.25
C PRO A 120 5.42 -11.37 17.77
N LYS A 121 6.74 -11.41 17.53
CA LYS A 121 7.37 -12.57 16.92
C LYS A 121 7.36 -13.81 17.82
N ASN A 122 7.05 -13.63 19.10
CA ASN A 122 6.89 -14.76 20.00
C ASN A 122 5.62 -15.59 19.74
N GLN A 123 4.65 -15.00 19.03
CA GLN A 123 3.41 -15.69 18.62
C GLN A 123 3.53 -16.49 17.31
N ILE A 124 4.65 -16.38 16.62
CA ILE A 124 4.79 -16.98 15.30
C ILE A 124 5.25 -18.43 15.38
N VAL A 125 4.59 -19.26 14.58
CA VAL A 125 4.91 -20.68 14.47
C VAL A 125 4.98 -21.03 13.00
N VAL A 126 6.18 -21.32 12.49
CA VAL A 126 6.31 -21.72 11.09
C VAL A 126 6.02 -23.20 10.97
N GLY A 127 5.54 -23.62 9.81
CA GLY A 127 5.26 -25.04 9.58
C GLY A 127 5.40 -25.50 8.15
N THR A 128 5.62 -26.80 7.99
CA THR A 128 5.56 -27.45 6.68
C THR A 128 4.51 -28.56 6.72
N THR A 129 4.16 -29.07 5.54
CA THR A 129 3.02 -29.98 5.39
C THR A 129 3.20 -30.82 4.13
N VAL A 130 2.83 -32.10 4.19
CA VAL A 130 2.71 -32.92 2.99
C VAL A 130 1.27 -33.41 2.75
N TRP A 131 0.34 -32.98 3.59
CA TRP A 131 -1.08 -32.99 3.22
C TRP A 131 -1.21 -32.38 1.83
N SER A 132 -1.98 -33.00 0.95
CA SER A 132 -2.21 -32.42 -0.38
C SER A 132 -3.69 -32.07 -0.59
N SER A 133 -3.94 -31.27 -1.62
CA SER A 133 -5.28 -30.80 -1.94
C SER A 133 -5.25 -30.16 -3.32
N GLY A 134 -6.30 -30.40 -4.10
CA GLY A 134 -6.49 -29.70 -5.37
C GLY A 134 -7.61 -28.68 -5.22
N LEU A 135 -7.48 -27.54 -5.89
CA LEU A 135 -8.58 -26.60 -5.98
C LEU A 135 -9.28 -26.84 -7.33
N THR A 136 -10.44 -27.48 -7.29
CA THR A 136 -11.21 -27.81 -8.50
C THR A 136 -11.99 -26.61 -9.02
N GLY A 137 -12.51 -25.80 -8.10
CA GLY A 137 -13.26 -24.59 -8.46
C GLY A 137 -13.70 -23.83 -7.22
N PRO A 138 -14.63 -22.87 -7.37
CA PRO A 138 -15.15 -22.19 -6.19
C PRO A 138 -15.90 -23.17 -5.28
N GLY A 139 -15.75 -23.00 -3.97
CA GLY A 139 -16.28 -23.94 -2.98
C GLY A 139 -16.13 -25.40 -3.33
N HIS A 140 -15.04 -25.75 -4.02
CA HIS A 140 -14.81 -27.10 -4.50
C HIS A 140 -13.33 -27.46 -4.45
N ILE A 141 -13.01 -28.50 -3.68
CA ILE A 141 -11.64 -29.01 -3.59
C ILE A 141 -11.66 -30.54 -3.70
N THR A 142 -10.53 -31.12 -4.13
CA THR A 142 -10.37 -32.57 -4.27
C THR A 142 -9.21 -33.04 -3.40
N VAL A 143 -9.40 -34.17 -2.73
CA VAL A 143 -8.43 -34.68 -1.76
C VAL A 143 -8.11 -36.15 -1.99
N THR A 144 -6.86 -36.53 -1.66
CA THR A 144 -6.39 -37.90 -1.82
C THR A 144 -5.29 -38.19 -0.80
N GLY A 145 -5.17 -39.46 -0.40
CA GLY A 145 -4.14 -39.89 0.53
C GLY A 145 -4.26 -39.20 1.87
N GLY A 146 -3.14 -39.08 2.57
CA GLY A 146 -3.12 -38.40 3.86
C GLY A 146 -2.06 -37.31 3.93
N GLY A 147 -1.42 -37.21 5.09
CA GLY A 147 -0.31 -36.31 5.28
C GLY A 147 0.06 -36.10 6.73
N SER A 148 0.80 -35.02 6.97
CA SER A 148 1.23 -34.66 8.30
C SER A 148 1.66 -33.17 8.33
N ILE A 149 2.04 -32.68 9.53
CA ILE A 149 2.48 -31.30 9.73
CA ILE A 149 2.50 -31.31 9.71
C ILE A 149 3.69 -31.32 10.67
N SER A 150 4.60 -30.36 10.49
CA SER A 150 5.77 -30.22 11.34
C SER A 150 5.90 -28.76 11.74
N LEU A 151 6.02 -28.49 13.05
CA LEU A 151 5.96 -27.12 13.56
C LEU A 151 7.19 -26.71 14.35
N GLN A 152 7.38 -25.39 14.43
CA GLN A 152 8.57 -24.81 15.04
C GLN A 152 8.29 -23.35 15.34
N ALA A 153 8.24 -23.00 16.62
CA ALA A 153 8.04 -21.61 17.00
C ALA A 153 9.26 -20.84 16.57
N VAL A 154 9.08 -19.59 16.17
CA VAL A 154 10.20 -18.77 15.76
C VAL A 154 11.16 -18.62 16.93
N VAL A 155 10.60 -18.25 18.08
CA VAL A 155 11.34 -18.09 19.32
C VAL A 155 10.83 -19.14 20.32
N PRO A 156 11.46 -20.33 20.35
CA PRO A 156 10.99 -21.48 21.15
C PRO A 156 10.79 -21.21 22.63
N ASP A 157 11.60 -20.33 23.21
CA ASP A 157 11.61 -20.07 24.66
C ASP A 157 10.39 -19.30 25.18
N GLN A 158 9.87 -18.38 24.36
CA GLN A 158 8.78 -17.51 24.76
C GLN A 158 7.39 -18.01 24.37
N PHE A 159 7.32 -19.15 23.67
CA PHE A 159 6.05 -19.61 23.14
C PHE A 159 5.30 -20.57 24.08
N PRO A 160 4.06 -20.20 24.46
CA PRO A 160 3.23 -21.06 25.29
C PRO A 160 2.38 -22.05 24.49
N ASN A 161 2.15 -23.23 25.06
CA ASN A 161 1.13 -24.16 24.58
C ASN A 161 1.35 -24.70 23.15
N LEU A 162 2.59 -24.96 22.77
CA LEU A 162 2.86 -25.71 21.53
C LEU A 162 2.25 -27.11 21.60
N ALA A 163 2.27 -27.70 22.80
CA ALA A 163 1.61 -28.98 23.08
C ALA A 163 0.10 -28.91 22.85
N ASP A 164 -0.54 -27.85 23.38
CA ASP A 164 -1.98 -27.65 23.18
C ASP A 164 -2.31 -27.41 21.72
N LEU A 165 -1.41 -26.69 21.05
CA LEU A 165 -1.59 -26.39 19.64
C LEU A 165 -1.58 -27.69 18.86
N ILE A 166 -0.54 -28.49 19.09
CA ILE A 166 -0.43 -29.81 18.45
C ILE A 166 -1.64 -30.70 18.76
N THR A 167 -2.03 -30.77 20.02
CA THR A 167 -3.24 -31.50 20.44
C THR A 167 -4.48 -31.11 19.63
N THR A 168 -4.67 -29.80 19.46
CA THR A 168 -5.79 -29.25 18.71
C THR A 168 -5.82 -29.76 17.28
N LEU A 169 -4.65 -29.76 16.65
CA LEU A 169 -4.53 -30.20 15.26
C LEU A 169 -4.70 -31.70 15.16
N ASN A 170 -3.93 -32.44 15.94
CA ASN A 170 -4.04 -33.90 15.97
C ASN A 170 -5.42 -34.42 16.36
N ALA A 171 -6.15 -33.64 17.17
CA ALA A 171 -7.57 -33.90 17.44
C ALA A 171 -8.41 -33.87 16.16
N ALA A 172 -8.00 -33.04 15.20
CA ALA A 172 -8.61 -33.04 13.87
C ALA A 172 -7.95 -34.01 12.88
N GLY A 173 -7.15 -34.95 13.39
CA GLY A 173 -6.47 -35.97 12.56
C GLY A 173 -5.41 -35.46 11.59
N LEU A 174 -4.71 -34.38 11.96
CA LEU A 174 -3.79 -33.70 11.04
C LEU A 174 -2.32 -34.11 11.17
N ASN A 175 -2.01 -34.87 12.22
CA ASN A 175 -0.64 -35.38 12.45
C ASN A 175 0.40 -34.26 12.48
N ALA A 176 0.30 -33.46 13.52
CA ALA A 176 1.24 -32.41 13.81
C ALA A 176 2.35 -32.97 14.71
N SER A 177 3.59 -32.63 14.40
CA SER A 177 4.71 -32.98 15.27
C SER A 177 5.57 -31.76 15.53
N ALA A 178 6.05 -31.60 16.76
CA ALA A 178 7.04 -30.56 17.04
C ALA A 178 8.33 -30.96 16.34
N ALA A 179 9.02 -29.96 15.78
CA ALA A 179 10.30 -30.19 15.15
C ALA A 179 11.16 -28.92 15.17
N ASP A 180 12.46 -29.12 15.11
CA ASP A 180 13.44 -28.03 15.14
C ASP A 180 13.96 -27.72 13.74
N ASN A 181 13.41 -28.39 12.73
CA ASN A 181 13.96 -28.39 11.37
C ASN A 181 13.02 -27.83 10.30
N VAL A 182 12.08 -26.99 10.68
CA VAL A 182 11.04 -26.57 9.76
C VAL A 182 11.51 -25.41 8.88
N LEU A 183 12.19 -24.43 9.50
CA LEU A 183 12.69 -23.29 8.75
C LEU A 183 13.74 -23.76 7.73
N ALA A 184 14.53 -24.76 8.10
CA ALA A 184 15.45 -25.37 7.15
C ALA A 184 14.74 -25.90 5.91
N ALA A 185 13.60 -26.54 6.13
CA ALA A 185 12.89 -27.19 5.03
C ALA A 185 12.19 -26.17 4.14
N ILE A 186 11.86 -25.03 4.73
CA ILE A 186 11.28 -23.93 3.98
C ILE A 186 12.36 -23.35 3.07
N TRP A 187 13.55 -23.18 3.62
CA TRP A 187 14.70 -22.74 2.83
C TRP A 187 15.08 -23.70 1.73
N LYS A 188 14.93 -24.99 1.98
CA LYS A 188 15.21 -26.00 0.99
C LYS A 188 14.25 -25.79 -0.19
N LYS A 189 12.96 -25.69 0.10
CA LYS A 189 11.96 -25.54 -0.95
C LYS A 189 12.18 -24.25 -1.74
N ALA A 190 12.66 -23.21 -1.07
CA ALA A 190 12.90 -21.93 -1.70
C ALA A 190 14.21 -21.93 -2.50
N GLY A 191 15.11 -22.85 -2.20
CA GLY A 191 16.33 -23.01 -2.98
C GLY A 191 15.96 -23.64 -4.30
N LEU A 192 15.15 -24.69 -4.23
CA LEU A 192 14.62 -25.29 -5.45
C LEU A 192 13.82 -24.30 -6.31
N ASN A 193 12.93 -23.52 -5.71
CA ASN A 193 12.08 -22.61 -6.48
C ASN A 193 12.89 -21.47 -7.10
N SER A 194 13.85 -20.95 -6.35
CA SER A 194 14.73 -19.89 -6.84
C SER A 194 15.67 -20.31 -7.98
N VAL A 195 15.78 -21.60 -8.25
CA VAL A 195 16.54 -22.06 -9.42
C VAL A 195 15.57 -22.37 -10.55
N LEU A 196 14.66 -23.32 -10.32
CA LEU A 196 13.75 -23.78 -11.35
C LEU A 196 12.72 -22.74 -11.81
N ASN A 197 12.10 -21.99 -10.91
CA ASN A 197 11.13 -20.96 -11.35
C ASN A 197 11.82 -19.88 -12.14
N THR A 198 12.92 -19.38 -11.56
CA THR A 198 13.63 -18.21 -12.10
C THR A 198 14.26 -18.46 -13.48
N TYR A 199 15.05 -19.52 -13.59
CA TYR A 199 15.74 -19.82 -14.84
C TYR A 199 14.78 -20.24 -15.95
N CYS A 200 13.76 -21.03 -15.62
CA CYS A 200 12.75 -21.43 -16.61
C CYS A 200 12.01 -20.23 -17.17
N THR A 201 11.75 -19.26 -16.31
CA THR A 201 11.08 -18.05 -16.74
C THR A 201 12.03 -17.25 -17.61
N LEU A 202 13.28 -17.15 -17.19
CA LEU A 202 14.25 -16.41 -17.96
C LEU A 202 14.50 -17.04 -19.32
N PHE A 203 14.49 -18.36 -19.40
CA PHE A 203 14.74 -19.05 -20.68
C PHE A 203 13.48 -19.40 -21.50
N ASP A 204 12.28 -19.13 -20.98
CA ASP A 204 11.04 -19.60 -21.62
C ASP A 204 11.10 -21.12 -21.94
N CYS A 205 11.66 -21.89 -21.00
CA CYS A 205 11.73 -23.35 -21.11
C CYS A 205 11.07 -24.01 -19.92
N ASN A 206 10.74 -25.30 -20.10
CA ASN A 206 10.24 -26.13 -19.02
C ASN A 206 11.40 -26.79 -18.31
N ILE A 207 11.07 -27.53 -17.25
CA ILE A 207 12.07 -28.08 -16.32
C ILE A 207 12.99 -29.12 -16.94
N GLY A 208 12.45 -29.95 -17.84
CA GLY A 208 13.27 -30.92 -18.55
C GLY A 208 14.30 -30.21 -19.41
N GLU A 209 13.87 -29.16 -20.09
CA GLU A 209 14.76 -28.42 -20.98
C GLU A 209 15.89 -27.76 -20.19
N PHE A 210 15.56 -27.19 -19.02
CA PHE A 210 16.59 -26.69 -18.13
C PHE A 210 17.52 -27.82 -17.78
N GLY A 211 16.94 -28.96 -17.41
CA GLY A 211 17.72 -30.14 -17.06
C GLY A 211 18.66 -30.59 -18.15
N ALA A 212 18.26 -30.44 -19.40
CA ALA A 212 19.11 -30.86 -20.52
C ALA A 212 20.26 -29.88 -20.86
N LEU A 213 20.37 -28.76 -20.13
CA LEU A 213 21.36 -27.72 -20.45
C LEU A 213 22.78 -28.15 -20.08
N LYS A 214 23.74 -27.89 -20.95
CA LYS A 214 25.13 -28.28 -20.72
C LYS A 214 25.62 -27.70 -19.41
N ASN A 215 25.13 -26.51 -19.06
CA ASN A 215 25.60 -25.79 -17.87
C ASN A 215 24.60 -25.67 -16.69
N TRP A 216 23.62 -26.58 -16.60
CA TRP A 216 22.62 -26.49 -15.52
C TRP A 216 23.23 -26.58 -14.14
N GLN A 217 24.33 -27.32 -14.02
CA GLN A 217 25.00 -27.49 -12.74
C GLN A 217 25.61 -26.18 -12.27
N THR A 218 26.28 -25.46 -13.16
CA THR A 218 26.90 -24.18 -12.81
C THR A 218 25.85 -23.11 -12.49
N LEU A 219 24.77 -23.08 -13.28
CA LEU A 219 23.67 -22.16 -13.06
C LEU A 219 23.03 -22.42 -11.70
N THR A 220 22.83 -23.70 -11.40
CA THR A 220 22.29 -24.09 -10.13
C THR A 220 23.25 -23.73 -9.00
N ALA A 221 24.49 -24.19 -9.10
CA ALA A 221 25.51 -23.90 -8.08
C ALA A 221 25.63 -22.41 -7.75
N THR A 222 25.54 -21.58 -8.78
CA THR A 222 25.67 -20.15 -8.60
C THR A 222 24.59 -19.60 -7.70
N VAL A 223 23.36 -20.05 -7.91
CA VAL A 223 22.27 -19.62 -7.04
C VAL A 223 22.46 -20.20 -5.67
N LEU A 224 22.73 -21.49 -5.59
CA LEU A 224 22.73 -22.18 -4.29
C LEU A 224 23.92 -21.88 -3.39
N ASP A 225 25.11 -21.64 -3.94
CA ASP A 225 26.25 -21.28 -3.10
C ASP A 225 25.97 -20.00 -2.33
N GLU A 226 25.19 -19.11 -2.93
CA GLU A 226 24.77 -17.86 -2.28
C GLU A 226 23.74 -18.10 -1.21
N PHE A 227 22.72 -18.91 -1.49
CA PHE A 227 21.81 -19.39 -0.44
C PHE A 227 22.58 -19.98 0.73
N GLN A 228 23.56 -20.82 0.43
CA GLN A 228 24.38 -21.48 1.45
C GLN A 228 25.08 -20.46 2.32
N ALA A 229 25.67 -19.45 1.69
CA ALA A 229 26.47 -18.49 2.41
C ALA A 229 25.59 -17.62 3.31
N VAL A 230 24.35 -17.44 2.88
CA VAL A 230 23.34 -16.66 3.62
C VAL A 230 22.65 -17.48 4.72
N ALA A 231 22.36 -18.74 4.40
CA ALA A 231 21.82 -19.64 5.38
C ALA A 231 22.80 -19.76 6.54
N ASP A 232 24.08 -19.92 6.22
CA ASP A 232 25.11 -20.00 7.24
C ASP A 232 25.13 -18.78 8.11
N ALA A 233 25.11 -17.60 7.49
CA ALA A 233 25.12 -16.35 8.25
C ALA A 233 23.91 -16.25 9.17
N ALA A 234 22.76 -16.71 8.68
CA ALA A 234 21.50 -16.64 9.42
C ALA A 234 21.33 -17.82 10.35
N GLN A 235 22.32 -18.70 10.40
CA GLN A 235 22.31 -19.89 11.24
C GLN A 235 21.09 -20.76 11.00
N ILE A 236 20.84 -21.03 9.72
CA ILE A 236 19.83 -21.97 9.31
C ILE A 236 20.53 -23.12 8.58
N GLN A 237 20.10 -24.34 8.88
CA GLN A 237 20.65 -25.53 8.27
C GLN A 237 20.31 -25.53 6.80
N PHE A 238 21.30 -25.86 5.96
CA PHE A 238 21.08 -25.82 4.53
C PHE A 238 22.19 -26.59 3.85
N SER A 239 21.83 -27.39 2.85
CA SER A 239 22.83 -28.05 2.04
C SER A 239 22.54 -27.80 0.58
N ALA A 240 23.43 -27.06 -0.06
CA ALA A 240 23.33 -26.86 -1.48
C ALA A 240 23.26 -28.20 -2.23
N ALA A 241 24.04 -29.19 -1.79
CA ALA A 241 24.11 -30.49 -2.47
C ALA A 241 22.78 -31.21 -2.44
N ALA A 242 22.13 -31.18 -1.28
CA ALA A 242 20.83 -31.81 -1.10
C ALA A 242 19.77 -31.17 -1.99
N VAL A 243 19.77 -29.85 -2.06
CA VAL A 243 18.75 -29.15 -2.85
C VAL A 243 18.99 -29.47 -4.32
N THR A 244 20.25 -29.56 -4.70
CA THR A 244 20.63 -29.92 -6.06
C THR A 244 20.03 -31.27 -6.42
N ASP A 245 20.12 -32.25 -5.53
CA ASP A 245 19.49 -33.54 -5.77
C ASP A 245 17.98 -33.40 -5.94
N LEU A 246 17.34 -32.63 -5.07
CA LEU A 246 15.89 -32.45 -5.19
C LEU A 246 15.58 -31.83 -6.54
N ILE A 247 16.35 -30.82 -6.91
CA ILE A 247 16.24 -30.16 -8.23
C ILE A 247 16.38 -31.17 -9.38
N ALA A 248 17.45 -31.99 -9.35
CA ALA A 248 17.66 -33.04 -10.39
C ALA A 248 16.51 -34.03 -10.51
N ALA A 249 15.89 -34.35 -9.38
CA ALA A 249 14.80 -35.32 -9.38
C ALA A 249 13.58 -34.88 -10.19
N GLN A 250 13.47 -33.58 -10.48
CA GLN A 250 12.33 -33.05 -11.21
C GLN A 250 12.44 -33.26 -12.72
N PHE A 251 13.66 -33.36 -13.23
CA PHE A 251 13.92 -33.37 -14.67
C PHE A 251 13.16 -34.40 -15.51
N PRO A 252 13.02 -35.65 -14.99
CA PRO A 252 12.41 -36.69 -15.80
C PRO A 252 10.98 -36.36 -16.18
N ALA A 253 10.61 -36.70 -17.41
CA ALA A 253 9.25 -36.50 -17.92
C ALA A 253 8.18 -37.16 -17.03
N ALA A 254 8.56 -38.22 -16.31
CA ALA A 254 7.63 -38.89 -15.40
C ALA A 254 7.30 -37.98 -14.21
N VAL A 255 8.24 -37.10 -13.87
CA VAL A 255 8.06 -36.21 -12.75
C VAL A 255 7.62 -34.85 -13.29
N ASN A 256 8.54 -33.93 -13.57
CA ASN A 256 8.18 -32.58 -14.00
C ASN A 256 8.87 -32.13 -15.29
N GLY A 257 9.48 -33.08 -16.00
CA GLY A 257 10.16 -32.78 -17.26
C GLY A 257 9.41 -31.89 -18.22
N ASN A 258 8.08 -32.01 -18.25
CA ASN A 258 7.24 -31.23 -19.17
C ASN A 258 6.35 -30.18 -18.48
N HIS A 259 6.78 -29.76 -17.30
CA HIS A 259 6.06 -28.78 -16.52
C HIS A 259 6.76 -27.42 -16.63
N TYR A 260 5.95 -26.37 -16.84
CA TYR A 260 6.40 -24.98 -16.70
C TYR A 260 6.03 -24.52 -15.29
N PRO A 261 7.04 -24.18 -14.47
CA PRO A 261 6.72 -23.85 -13.09
C PRO A 261 5.95 -22.52 -12.91
N SER A 262 5.47 -22.28 -11.69
CA SER A 262 4.48 -21.24 -11.44
C SER A 262 4.91 -19.86 -11.91
N MET A 263 6.20 -19.55 -11.78
CA MET A 263 6.70 -18.26 -12.20
C MET A 263 6.62 -18.07 -13.71
N HIS A 264 6.96 -19.11 -14.47
CA HIS A 264 6.84 -19.06 -15.91
C HIS A 264 5.40 -18.75 -16.34
N GLN A 265 4.43 -19.36 -15.66
CA GLN A 265 3.03 -19.17 -15.98
C GLN A 265 2.60 -17.75 -15.66
N ASP A 266 3.04 -17.27 -14.49
CA ASP A 266 2.78 -15.90 -14.06
C ASP A 266 3.23 -14.92 -15.11
N MET A 267 4.44 -15.11 -15.63
CA MET A 267 5.01 -14.25 -16.67
C MET A 267 4.19 -14.34 -17.93
N ALA A 268 3.85 -15.56 -18.33
CA ALA A 268 3.05 -15.79 -19.54
C ALA A 268 1.70 -15.11 -19.48
N ASN A 269 1.08 -15.11 -18.30
CA ASN A 269 -0.21 -14.44 -18.09
C ASN A 269 -0.11 -13.06 -17.48
N GLN A 270 1.07 -12.45 -17.55
CA GLN A 270 1.19 -11.06 -17.16
C GLN A 270 0.74 -10.87 -15.70
N ARG A 271 1.04 -11.85 -14.86
CA ARG A 271 0.86 -11.71 -13.42
C ARG A 271 2.22 -11.40 -12.82
N PRO A 272 2.28 -10.44 -11.90
CA PRO A 272 3.52 -10.23 -11.17
C PRO A 272 4.01 -11.53 -10.55
N THR A 273 5.33 -11.75 -10.57
CA THR A 273 5.93 -12.98 -10.04
C THR A 273 6.33 -12.81 -8.59
N GLU A 274 6.66 -13.92 -7.94
CA GLU A 274 7.12 -13.92 -6.55
C GLU A 274 8.63 -13.69 -6.39
N ILE A 275 9.26 -13.14 -7.42
CA ILE A 275 10.70 -13.02 -7.44
C ILE A 275 11.29 -12.28 -6.24
N ASP A 276 10.65 -11.22 -5.77
CA ASP A 276 11.18 -10.51 -4.60
C ASP A 276 11.13 -11.37 -3.34
N PHE A 277 10.30 -12.41 -3.37
CA PHE A 277 10.22 -13.34 -2.27
C PHE A 277 10.90 -14.68 -2.53
N LEU A 278 11.78 -14.71 -3.53
CA LEU A 278 12.61 -15.88 -3.81
C LEU A 278 14.04 -15.39 -3.82
N ASN A 279 14.66 -15.31 -5.01
CA ASN A 279 16.01 -14.77 -5.13
C ASN A 279 16.11 -13.36 -4.60
N GLY A 280 15.07 -12.55 -4.81
CA GLY A 280 15.01 -11.20 -4.27
C GLY A 280 15.18 -11.17 -2.78
N TYR A 281 14.49 -12.09 -2.09
CA TYR A 281 14.59 -12.14 -0.65
C TYR A 281 15.95 -12.63 -0.13
N VAL A 282 16.57 -13.59 -0.80
CA VAL A 282 17.90 -14.04 -0.37
C VAL A 282 18.93 -12.93 -0.51
N ALA A 283 18.84 -12.16 -1.59
CA ALA A 283 19.73 -11.03 -1.78
C ALA A 283 19.60 -10.00 -0.66
N LYS A 284 18.36 -9.66 -0.30
CA LYS A 284 18.07 -8.63 0.71
C LYS A 284 18.62 -9.02 2.08
N LEU A 285 18.31 -10.24 2.50
CA LEU A 285 18.92 -10.82 3.71
C LEU A 285 20.43 -10.86 3.64
N GLY A 286 20.94 -11.30 2.50
CA GLY A 286 22.39 -11.29 2.25
C GLY A 286 23.01 -9.98 2.64
N GLN A 287 22.41 -8.87 2.19
CA GLN A 287 22.94 -7.56 2.49
C GLN A 287 22.82 -7.23 3.97
N GLN A 288 21.68 -7.52 4.60
CA GLN A 288 21.58 -7.37 6.05
C GLN A 288 22.73 -8.11 6.75
N LEU A 289 23.08 -9.30 6.27
CA LEU A 289 24.08 -10.15 6.94
C LEU A 289 25.50 -9.98 6.38
N HIS A 290 25.69 -9.01 5.48
CA HIS A 290 27.00 -8.74 4.87
C HIS A 290 27.52 -9.95 4.13
N VAL A 291 26.61 -10.67 3.48
CA VAL A 291 26.99 -11.79 2.66
C VAL A 291 26.74 -11.38 1.22
N PRO A 292 27.78 -11.41 0.37
CA PRO A 292 27.57 -10.95 -1.00
C PRO A 292 26.63 -11.87 -1.76
N THR A 293 25.68 -11.29 -2.49
CA THR A 293 24.70 -12.04 -3.27
C THR A 293 24.49 -11.47 -4.68
N PRO A 294 25.58 -11.22 -5.42
CA PRO A 294 25.44 -10.49 -6.70
C PRO A 294 24.62 -11.25 -7.75
N ALA A 295 24.69 -12.57 -7.74
CA ALA A 295 23.99 -13.40 -8.72
C ALA A 295 22.50 -13.40 -8.49
N ASN A 296 22.08 -13.63 -7.25
CA ASN A 296 20.65 -13.52 -6.92
C ASN A 296 20.13 -12.08 -7.01
N ALA A 297 20.94 -11.08 -6.68
CA ALA A 297 20.48 -9.70 -6.91
C ALA A 297 20.22 -9.47 -8.39
N LEU A 298 21.09 -10.03 -9.23
CA LEU A 298 21.02 -9.79 -10.67
C LEU A 298 19.84 -10.49 -11.32
N LEU A 299 19.68 -11.77 -11.01
CA LEU A 299 18.56 -12.55 -11.54
C LEU A 299 17.23 -11.88 -11.17
N THR A 300 17.11 -11.42 -9.93
CA THR A 300 15.97 -10.60 -9.52
C THR A 300 15.73 -9.40 -10.45
N GLN A 301 16.79 -8.67 -10.81
CA GLN A 301 16.64 -7.56 -11.73
C GLN A 301 16.21 -8.02 -13.11
N LEU A 302 16.77 -9.12 -13.59
CA LEU A 302 16.44 -9.62 -14.92
C LEU A 302 14.95 -9.97 -15.03
N ILE A 303 14.39 -10.57 -13.98
CA ILE A 303 12.98 -10.97 -14.00
C ILE A 303 12.05 -9.76 -13.96
N HIS A 304 12.32 -8.79 -13.11
CA HIS A 304 11.53 -7.55 -13.12
C HIS A 304 11.52 -6.92 -14.52
N SER A 305 12.70 -6.85 -15.14
CA SER A 305 12.79 -6.35 -16.50
C SER A 305 11.87 -7.13 -17.42
N GLN A 306 11.99 -8.45 -17.43
CA GLN A 306 11.07 -9.31 -18.19
C GLN A 306 9.60 -8.93 -17.95
N GLU A 307 9.19 -8.74 -16.69
CA GLU A 307 7.81 -8.35 -16.40
C GLU A 307 7.39 -7.12 -17.18
N GLN A 308 8.23 -6.09 -17.07
CA GLN A 308 7.94 -4.83 -17.66
C GLN A 308 7.80 -4.94 -19.19
N LEU A 309 8.58 -5.82 -19.81
CA LEU A 309 8.51 -6.03 -21.26
C LEU A 309 7.27 -6.77 -21.73
N LYS A 310 6.78 -7.69 -20.91
CA LYS A 310 5.58 -8.44 -21.24
C LYS A 310 4.33 -7.55 -21.17
N GLN A 311 4.24 -6.68 -20.16
CA GLN A 311 3.06 -5.81 -19.98
C GLN A 311 2.78 -4.85 -21.14
N ILE A 312 3.80 -4.56 -21.96
CA ILE A 312 3.65 -3.66 -23.11
C ILE A 312 2.63 -4.20 -24.11
N SER B 1 19.44 30.97 -17.60
CA SER B 1 19.83 30.43 -16.27
C SER B 1 18.63 30.14 -15.34
N GLU B 2 17.54 30.90 -15.49
CA GLU B 2 16.29 30.63 -14.74
C GLU B 2 15.53 29.41 -15.26
N PHE B 3 16.05 28.79 -16.31
CA PHE B 3 15.56 27.50 -16.79
C PHE B 3 15.73 26.42 -15.71
N MET B 4 14.67 25.66 -15.52
CA MET B 4 14.72 24.44 -14.73
C MET B 4 13.97 23.38 -15.52
N LYS B 5 14.29 22.12 -15.27
CA LYS B 5 13.46 21.00 -15.74
C LYS B 5 12.42 20.68 -14.64
N ILE B 6 11.15 20.72 -15.01
CA ILE B 6 10.05 20.81 -14.04
C ILE B 6 8.96 19.73 -14.25
N ALA B 7 8.55 19.07 -13.16
CA ALA B 7 7.42 18.14 -13.18
C ALA B 7 6.25 18.70 -12.37
N ILE B 8 5.03 18.42 -12.82
CA ILE B 8 3.82 18.80 -12.11
C ILE B 8 3.12 17.51 -11.66
N ALA B 9 3.33 17.11 -10.41
CA ALA B 9 2.66 15.93 -9.87
C ALA B 9 1.30 16.37 -9.31
N GLY B 10 0.25 16.14 -10.09
CA GLY B 10 -1.07 16.68 -9.79
C GLY B 10 -1.41 17.72 -10.83
N ALA B 11 -1.67 17.23 -12.04
CA ALA B 11 -1.92 18.09 -13.18
C ALA B 11 -3.40 18.43 -13.25
N GLY B 12 -3.96 18.89 -12.14
CA GLY B 12 -5.35 19.32 -12.10
C GLY B 12 -5.48 20.76 -12.58
N ALA B 13 -6.52 21.45 -12.12
CA ALA B 13 -6.77 22.84 -12.52
C ALA B 13 -5.52 23.72 -12.31
N MET B 14 -5.02 23.72 -11.08
CA MET B 14 -3.85 24.52 -10.68
C MET B 14 -2.55 24.05 -11.30
N GLY B 15 -2.30 22.75 -11.24
CA GLY B 15 -1.07 22.17 -11.77
C GLY B 15 -0.98 22.38 -13.26
N SER B 16 -2.08 22.13 -13.95
CA SER B 16 -2.19 22.40 -15.38
C SER B 16 -1.97 23.87 -15.66
N ARG B 17 -2.62 24.75 -14.90
CA ARG B 17 -2.43 26.19 -15.09
C ARG B 17 -0.96 26.62 -14.90
N PHE B 18 -0.35 26.21 -13.78
CA PHE B 18 1.09 26.47 -13.52
C PHE B 18 2.00 25.83 -14.58
N GLY B 19 1.62 24.64 -15.07
CA GLY B 19 2.41 23.97 -16.10
C GLY B 19 2.55 24.82 -17.35
N VAL B 20 1.47 25.50 -17.74
CA VAL B 20 1.43 26.30 -18.98
C VAL B 20 2.27 27.58 -18.91
N LYS B 21 2.08 28.35 -17.86
CA LYS B 21 2.81 29.62 -17.70
C LYS B 21 4.31 29.36 -17.54
N LEU B 22 4.66 28.23 -16.93
CA LEU B 22 6.06 27.80 -16.82
C LEU B 22 6.64 27.30 -18.13
N GLN B 23 5.82 26.67 -18.96
CA GLN B 23 6.26 26.25 -20.29
C GLN B 23 6.44 27.45 -21.22
N GLU B 24 5.39 28.27 -21.34
CA GLU B 24 5.43 29.50 -22.14
C GLU B 24 6.59 30.43 -21.76
N ALA B 25 7.15 30.27 -20.55
CA ALA B 25 8.34 31.01 -20.15
C ALA B 25 9.65 30.21 -20.38
N GLY B 26 9.61 29.20 -21.24
CA GLY B 26 10.82 28.51 -21.71
C GLY B 26 11.29 27.29 -20.92
N ASN B 27 10.62 26.99 -19.81
CA ASN B 27 10.96 25.83 -18.98
C ASN B 27 10.46 24.53 -19.64
N GLN B 28 11.13 23.42 -19.39
CA GLN B 28 10.68 22.13 -19.92
C GLN B 28 9.81 21.44 -18.88
N VAL B 29 8.51 21.37 -19.15
CA VAL B 29 7.53 20.87 -18.19
C VAL B 29 6.82 19.56 -18.65
N THR B 30 6.68 18.64 -17.70
CA THR B 30 5.92 17.38 -17.86
C THR B 30 4.76 17.44 -16.88
N LEU B 31 3.55 17.16 -17.33
CA LEU B 31 2.40 17.12 -16.42
C LEU B 31 2.11 15.66 -16.02
N ILE B 32 2.00 15.38 -14.71
CA ILE B 32 1.77 14.01 -14.23
C ILE B 32 0.43 13.87 -13.51
N ASP B 33 -0.34 12.87 -13.92
CA ASP B 33 -1.68 12.64 -13.40
C ASP B 33 -2.08 11.18 -13.62
N ASN B 34 -3.06 10.73 -12.86
CA ASN B 34 -3.61 9.39 -13.04
C ASN B 34 -4.88 9.34 -13.92
N TRP B 35 -5.57 10.47 -14.08
CA TRP B 35 -6.81 10.51 -14.84
C TRP B 35 -6.56 10.33 -16.35
N SER B 36 -6.71 9.09 -16.83
CA SER B 36 -6.49 8.71 -18.23
C SER B 36 -7.03 9.67 -19.28
N ALA B 37 -8.28 10.07 -19.16
CA ALA B 37 -8.91 10.97 -20.16
C ALA B 37 -8.17 12.32 -20.25
N HIS B 38 -7.67 12.77 -19.09
CA HIS B 38 -6.93 14.02 -19.00
C HIS B 38 -5.59 13.89 -19.76
N VAL B 39 -4.70 13.03 -19.26
CA VAL B 39 -3.36 12.77 -19.83
C VAL B 39 -3.38 12.50 -21.33
N ASP B 40 -4.33 11.66 -21.76
CA ASP B 40 -4.49 11.30 -23.18
C ASP B 40 -4.97 12.47 -24.01
N GLN B 41 -5.88 13.28 -23.44
CA GLN B 41 -6.40 14.45 -24.14
C GLN B 41 -5.30 15.43 -24.49
N ILE B 42 -4.30 15.57 -23.62
CA ILE B 42 -3.22 16.53 -23.79
C ILE B 42 -2.15 16.05 -24.80
N ASN B 43 -1.83 14.75 -24.76
CA ASN B 43 -0.87 14.15 -25.71
C ASN B 43 -1.36 14.11 -27.16
N GLN B 44 -2.68 14.12 -27.32
CA GLN B 44 -3.33 13.98 -28.63
C GLN B 44 -3.83 15.31 -29.24
N ALA B 45 -4.28 16.24 -28.40
CA ALA B 45 -4.84 17.53 -28.90
C ALA B 45 -4.45 18.79 -28.10
N GLY B 46 -3.47 18.71 -27.21
CA GLY B 46 -3.02 19.87 -26.42
C GLY B 46 -3.94 20.26 -25.27
N LEU B 47 -3.38 20.94 -24.27
CA LEU B 47 -4.17 21.47 -23.17
C LEU B 47 -4.83 22.76 -23.64
N THR B 48 -6.11 22.88 -23.37
CA THR B 48 -6.91 24.05 -23.71
C THR B 48 -7.09 24.91 -22.46
N VAL B 49 -6.88 26.21 -22.60
CA VAL B 49 -6.99 27.16 -21.48
C VAL B 49 -7.91 28.32 -21.87
N THR B 50 -9.19 28.19 -21.51
CA THR B 50 -10.20 29.23 -21.80
C THR B 50 -9.98 30.43 -20.88
N THR B 51 -9.62 31.57 -21.48
CA THR B 51 -9.21 32.75 -20.70
C THR B 51 -10.38 33.66 -20.31
N ASP B 52 -10.06 34.86 -19.86
CA ASP B 52 -11.01 35.91 -19.45
C ASP B 52 -12.10 35.98 -20.47
N ASP B 53 -11.67 36.34 -21.65
CA ASP B 53 -12.52 36.24 -22.83
C ASP B 53 -12.75 34.75 -23.06
N GLY B 54 -13.96 34.35 -23.43
CA GLY B 54 -14.27 32.93 -23.67
C GLY B 54 -13.55 32.38 -24.89
N VAL B 55 -12.22 32.55 -24.90
CA VAL B 55 -11.37 32.23 -26.04
C VAL B 55 -10.55 30.99 -25.72
N ASP B 56 -10.56 30.02 -26.63
CA ASP B 56 -9.92 28.73 -26.40
C ASP B 56 -8.47 28.73 -26.91
N HIS B 57 -7.53 28.80 -25.98
CA HIS B 57 -6.10 28.73 -26.29
C HIS B 57 -5.58 27.30 -26.17
N VAL B 58 -5.42 26.65 -27.32
CA VAL B 58 -4.85 25.30 -27.39
C VAL B 58 -3.33 25.38 -27.25
N TYR B 59 -2.79 24.75 -26.20
CA TYR B 59 -1.35 24.73 -25.93
C TYR B 59 -0.79 23.32 -26.03
N THR B 60 0.30 23.16 -26.78
CA THR B 60 0.98 21.86 -26.93
C THR B 60 1.77 21.50 -25.67
N MET B 61 1.41 20.41 -25.01
CA MET B 61 2.03 20.01 -23.74
C MET B 61 2.43 18.53 -23.74
N THR B 62 3.36 18.17 -22.85
CA THR B 62 3.77 16.79 -22.57
C THR B 62 3.08 16.26 -21.27
N ALA B 63 2.27 15.19 -21.39
CA ALA B 63 1.61 14.56 -20.23
C ALA B 63 1.95 13.07 -20.13
N GLN B 64 2.01 12.55 -18.89
CA GLN B 64 2.30 11.13 -18.63
C GLN B 64 1.65 10.60 -17.33
N HIS B 65 1.30 9.32 -17.30
CA HIS B 65 0.91 8.66 -16.05
C HIS B 65 2.17 8.43 -15.19
N PRO B 66 2.07 8.67 -13.85
CA PRO B 66 3.23 8.62 -12.93
C PRO B 66 4.17 7.42 -13.09
N GLU B 67 3.62 6.21 -13.11
CA GLU B 67 4.41 4.99 -13.34
C GLU B 67 5.23 4.99 -14.64
N ALA B 68 4.82 5.80 -15.62
CA ALA B 68 5.49 5.88 -16.93
C ALA B 68 6.40 7.10 -17.09
N VAL B 69 7.09 7.50 -16.03
CA VAL B 69 8.12 8.53 -16.11
C VAL B 69 9.45 7.95 -15.64
N THR B 70 10.46 8.04 -16.49
CA THR B 70 11.84 7.73 -16.09
C THR B 70 12.75 8.97 -16.15
N ASP B 71 12.21 10.11 -16.57
CA ASP B 71 12.95 11.38 -16.57
C ASP B 71 13.18 11.93 -15.17
N GLN B 72 14.16 12.82 -15.05
CA GLN B 72 14.49 13.44 -13.78
C GLN B 72 14.43 14.96 -13.93
N PHE B 73 14.10 15.63 -12.82
CA PHE B 73 13.74 17.02 -12.85
C PHE B 73 14.59 17.76 -11.84
N ASP B 74 14.73 19.06 -12.05
CA ASP B 74 15.40 19.93 -11.09
C ASP B 74 14.41 20.33 -10.00
N LEU B 75 13.13 20.26 -10.32
CA LEU B 75 12.08 20.68 -9.42
C LEU B 75 10.81 19.88 -9.70
N ILE B 76 10.16 19.43 -8.63
CA ILE B 76 8.84 18.81 -8.72
CA ILE B 76 8.84 18.81 -8.71
C ILE B 76 7.86 19.63 -7.88
N ILE B 77 6.78 20.06 -8.52
CA ILE B 77 5.74 20.82 -7.84
C ILE B 77 4.58 19.86 -7.61
N LEU B 78 4.33 19.53 -6.34
CA LEU B 78 3.22 18.64 -5.97
C LEU B 78 1.94 19.40 -5.73
N PHE B 79 0.90 19.01 -6.47
CA PHE B 79 -0.46 19.49 -6.22
C PHE B 79 -1.37 18.39 -5.72
N THR B 80 -0.79 17.22 -5.48
CA THR B 80 -1.52 16.06 -5.00
C THR B 80 -2.14 16.34 -3.63
N LYS B 81 -3.46 16.21 -3.56
CA LYS B 81 -4.17 16.24 -2.30
C LYS B 81 -3.44 15.27 -1.38
N THR B 82 -3.32 15.62 -0.11
CA THR B 82 -2.54 14.82 0.86
C THR B 82 -2.84 13.33 0.77
N MET B 83 -4.10 12.99 0.62
CA MET B 83 -4.53 11.61 0.65
C MET B 83 -3.94 10.75 -0.47
N GLN B 84 -3.82 11.32 -1.67
CA GLN B 84 -3.28 10.59 -2.83
C GLN B 84 -1.74 10.63 -2.84
N MET B 85 -1.18 11.50 -1.99
CA MET B 85 0.23 11.85 -2.06
C MET B 85 1.14 10.65 -1.86
N ASP B 86 0.89 9.89 -0.81
CA ASP B 86 1.75 8.75 -0.50
C ASP B 86 1.85 7.81 -1.71
N ALA B 87 0.70 7.45 -2.29
CA ALA B 87 0.65 6.67 -3.53
C ALA B 87 1.43 7.33 -4.68
N MET B 88 1.17 8.61 -4.91
CA MET B 88 1.84 9.39 -5.96
C MET B 88 3.36 9.49 -5.80
N LEU B 89 3.83 9.58 -4.54
CA LEU B 89 5.27 9.57 -4.25
C LEU B 89 5.81 8.15 -4.27
N GLN B 90 4.99 7.19 -3.90
CA GLN B 90 5.39 5.80 -4.03
C GLN B 90 5.73 5.53 -5.48
N GLN B 91 4.77 5.82 -6.35
CA GLN B 91 4.89 5.55 -7.78
C GLN B 91 6.00 6.36 -8.49
N LEU B 92 6.40 7.50 -7.91
CA LEU B 92 7.49 8.30 -8.46
C LEU B 92 8.86 8.04 -7.80
N ALA B 93 8.90 7.12 -6.83
CA ALA B 93 10.13 6.77 -6.08
C ALA B 93 11.46 6.83 -6.88
N PRO B 94 11.49 6.24 -8.10
CA PRO B 94 12.70 6.27 -8.91
C PRO B 94 13.22 7.67 -9.26
N VAL B 95 12.29 8.57 -9.61
CA VAL B 95 12.66 9.87 -10.18
C VAL B 95 13.36 10.83 -9.19
N LEU B 96 13.26 10.52 -7.89
CA LEU B 96 13.76 11.39 -6.82
C LEU B 96 15.18 11.04 -6.36
N THR B 97 15.80 10.05 -7.00
CA THR B 97 17.19 9.69 -6.75
C THR B 97 18.14 10.89 -6.83
N ASN B 98 17.85 11.80 -7.76
CA ASN B 98 18.64 13.03 -7.94
C ASN B 98 18.46 14.09 -6.86
N HIS B 99 17.46 13.90 -6.00
CA HIS B 99 17.22 14.79 -4.85
C HIS B 99 16.85 16.21 -5.31
N PRO B 100 15.70 16.35 -6.00
CA PRO B 100 15.33 17.65 -6.50
C PRO B 100 14.61 18.45 -5.43
N ILE B 101 14.22 19.66 -5.78
CA ILE B 101 13.40 20.48 -4.93
C ILE B 101 12.00 19.89 -4.99
N VAL B 102 11.36 19.75 -3.84
CA VAL B 102 9.98 19.34 -3.76
C VAL B 102 9.17 20.52 -3.25
N LEU B 103 8.32 21.04 -4.11
CA LEU B 103 7.56 22.23 -3.80
C LEU B 103 6.10 21.83 -3.65
N THR B 104 5.69 21.51 -2.43
CA THR B 104 4.29 21.17 -2.18
C THR B 104 3.40 22.42 -2.14
N LEU B 105 2.48 22.51 -3.09
CA LEU B 105 1.50 23.59 -3.11
C LEU B 105 0.06 23.10 -2.90
N GLY B 106 -0.12 21.81 -2.63
CA GLY B 106 -1.43 21.29 -2.27
C GLY B 106 -1.87 21.83 -0.92
N ASN B 107 -3.09 21.48 -0.52
CA ASN B 107 -3.59 21.77 0.83
C ASN B 107 -3.44 20.54 1.72
N GLY B 108 -3.20 20.78 3.00
CA GLY B 108 -3.16 19.72 4.00
C GLY B 108 -1.97 19.85 4.93
N ILE B 109 -2.24 19.83 6.23
CA ILE B 109 -1.19 19.85 7.26
C ILE B 109 -0.32 18.59 7.31
N GLY B 110 -0.81 17.50 6.72
CA GLY B 110 -0.08 16.24 6.76
C GLY B 110 1.00 16.10 5.71
N ASN B 111 1.19 17.12 4.89
CA ASN B 111 2.05 17.01 3.71
C ASN B 111 3.55 16.85 4.03
N ILE B 112 4.09 17.74 4.84
CA ILE B 112 5.51 17.68 5.19
C ILE B 112 5.86 16.30 5.74
N GLU B 113 5.12 15.89 6.76
CA GLU B 113 5.36 14.59 7.40
C GLU B 113 5.30 13.48 6.37
N THR B 114 4.26 13.49 5.54
CA THR B 114 4.12 12.51 4.45
C THR B 114 5.31 12.56 3.47
N ILE B 115 5.76 13.76 3.12
CA ILE B 115 6.85 13.93 2.17
C ILE B 115 8.19 13.51 2.77
N GLU B 116 8.42 13.82 4.05
CA GLU B 116 9.65 13.47 4.76
C GLU B 116 10.07 12.01 4.60
N ARG B 117 9.10 11.10 4.48
CA ARG B 117 9.39 9.68 4.29
C ARG B 117 9.88 9.30 2.88
N HIS B 118 9.82 10.24 1.92
CA HIS B 118 10.22 9.97 0.54
C HIS B 118 11.48 10.74 0.08
N VAL B 119 11.77 11.88 0.69
CA VAL B 119 12.95 12.69 0.34
C VAL B 119 13.57 13.30 1.61
N PRO B 120 14.80 13.84 1.49
CA PRO B 120 15.37 14.63 2.58
C PRO B 120 14.59 15.92 2.84
N LYS B 121 14.27 16.19 4.10
CA LYS B 121 13.41 17.32 4.47
C LYS B 121 14.03 18.68 4.18
N ASN B 122 15.33 18.72 3.92
CA ASN B 122 15.98 19.96 3.51
C ASN B 122 15.61 20.42 2.09
N GLN B 123 15.08 19.48 1.28
CA GLN B 123 14.60 19.78 -0.09
C GLN B 123 13.15 20.30 -0.16
N ILE B 124 12.45 20.29 0.97
CA ILE B 124 11.02 20.59 0.98
C ILE B 124 10.76 22.08 1.09
N VAL B 125 9.83 22.55 0.26
CA VAL B 125 9.39 23.95 0.25
C VAL B 125 7.88 23.97 0.23
N VAL B 126 7.27 24.39 1.32
CA VAL B 126 5.82 24.50 1.37
C VAL B 126 5.40 25.82 0.75
N GLY B 127 4.20 25.86 0.17
CA GLY B 127 3.69 27.08 -0.41
C GLY B 127 2.18 27.23 -0.36
N THR B 128 1.73 28.48 -0.45
CA THR B 128 0.32 28.79 -0.65
C THR B 128 0.18 29.62 -1.92
N THR B 129 -1.06 29.75 -2.38
CA THR B 129 -1.36 30.32 -3.69
C THR B 129 -2.79 30.87 -3.69
N VAL B 130 -2.98 32.03 -4.34
CA VAL B 130 -4.33 32.52 -4.63
C VAL B 130 -4.59 32.63 -6.14
N TRP B 131 -3.63 32.20 -6.96
CA TRP B 131 -3.93 31.83 -8.35
C TRP B 131 -5.13 30.91 -8.34
N SER B 132 -6.08 31.14 -9.24
CA SER B 132 -7.25 30.25 -9.34
C SER B 132 -7.28 29.55 -10.70
N SER B 133 -8.10 28.51 -10.78
CA SER B 133 -8.25 27.70 -11.98
C SER B 133 -9.47 26.81 -11.83
N GLY B 134 -10.24 26.63 -12.89
CA GLY B 134 -11.31 25.65 -12.93
C GLY B 134 -10.88 24.47 -13.79
N LEU B 135 -11.30 23.27 -13.41
CA LEU B 135 -11.15 22.11 -14.28
C LEU B 135 -12.47 21.90 -15.01
N THR B 136 -12.51 22.27 -16.29
CA THR B 136 -13.72 22.15 -17.11
C THR B 136 -13.92 20.71 -17.62
N GLY B 137 -12.82 20.03 -17.94
CA GLY B 137 -12.87 18.64 -18.40
C GLY B 137 -11.47 18.09 -18.65
N PRO B 138 -11.38 16.95 -19.34
CA PRO B 138 -10.04 16.45 -19.71
C PRO B 138 -9.33 17.43 -20.65
N GLY B 139 -8.02 17.59 -20.47
CA GLY B 139 -7.23 18.58 -21.19
C GLY B 139 -7.92 19.93 -21.38
N HIS B 140 -8.71 20.34 -20.39
CA HIS B 140 -9.49 21.57 -20.47
C HIS B 140 -9.58 22.24 -19.10
N ILE B 141 -9.07 23.48 -19.01
CA ILE B 141 -9.17 24.28 -17.79
C ILE B 141 -9.60 25.71 -18.14
N THR B 142 -10.19 26.40 -17.17
CA THR B 142 -10.66 27.78 -17.34
C THR B 142 -9.98 28.69 -16.31
N VAL B 143 -9.56 29.88 -16.77
CA VAL B 143 -8.78 30.79 -15.93
C VAL B 143 -9.33 32.21 -15.96
N THR B 144 -9.15 32.91 -14.84
CA THR B 144 -9.62 34.29 -14.71
C THR B 144 -8.77 35.02 -13.67
N GLY B 145 -8.65 36.35 -13.81
CA GLY B 145 -7.89 37.16 -12.88
C GLY B 145 -6.43 36.76 -12.84
N GLY B 146 -5.79 37.02 -11.70
CA GLY B 146 -4.38 36.68 -11.52
C GLY B 146 -4.13 35.88 -10.26
N GLY B 147 -3.01 36.19 -9.61
CA GLY B 147 -2.69 35.61 -8.32
C GLY B 147 -1.25 35.80 -7.92
N SER B 148 -0.81 34.99 -6.97
CA SER B 148 0.55 35.04 -6.46
C SER B 148 0.89 33.74 -5.71
N ILE B 149 2.13 33.62 -5.25
CA ILE B 149 2.62 32.45 -4.51
CA ILE B 149 2.53 32.47 -4.46
C ILE B 149 3.47 32.94 -3.34
N SER B 150 3.45 32.20 -2.24
CA SER B 150 4.26 32.50 -1.06
C SER B 150 4.97 31.23 -0.61
N LEU B 151 6.28 31.30 -0.43
CA LEU B 151 7.10 30.10 -0.17
C LEU B 151 7.88 30.14 1.13
N GLN B 152 8.25 28.96 1.61
CA GLN B 152 8.89 28.80 2.91
C GLN B 152 9.51 27.41 2.95
N ALA B 153 10.84 27.35 2.97
CA ALA B 153 11.52 26.08 3.09
C ALA B 153 11.22 25.52 4.46
N VAL B 154 11.11 24.20 4.55
CA VAL B 154 10.83 23.57 5.85
C VAL B 154 11.97 23.89 6.80
N VAL B 155 13.18 23.65 6.33
CA VAL B 155 14.40 23.93 7.09
C VAL B 155 15.19 25.02 6.36
N PRO B 156 14.93 26.29 6.70
CA PRO B 156 15.50 27.45 5.98
C PRO B 156 17.02 27.48 5.85
N ASP B 157 17.72 26.94 6.85
CA ASP B 157 19.19 27.02 6.92
C ASP B 157 19.93 26.12 5.89
N GLN B 158 19.35 24.97 5.59
CA GLN B 158 20.00 24.00 4.71
C GLN B 158 19.57 24.10 3.24
N PHE B 159 18.64 25.00 2.94
CA PHE B 159 18.07 25.07 1.61
C PHE B 159 18.80 26.04 0.67
N PRO B 160 19.30 25.50 -0.48
CA PRO B 160 19.97 26.33 -1.47
C PRO B 160 19.00 26.91 -2.51
N ASN B 161 19.32 28.11 -3.00
CA ASN B 161 18.69 28.67 -4.20
C ASN B 161 17.17 28.90 -4.12
N LEU B 162 16.69 29.35 -2.96
CA LEU B 162 15.30 29.84 -2.87
C LEU B 162 15.11 31.08 -3.77
N ALA B 163 16.16 31.89 -3.89
CA ALA B 163 16.19 33.03 -4.81
C ALA B 163 16.06 32.58 -6.27
N ASP B 164 16.81 31.55 -6.66
CA ASP B 164 16.74 31.00 -8.02
C ASP B 164 15.39 30.40 -8.29
N LEU B 165 14.83 29.75 -7.26
CA LEU B 165 13.53 29.13 -7.37
C LEU B 165 12.50 30.20 -7.64
N ILE B 166 12.50 31.23 -6.80
CA ILE B 166 11.59 32.37 -6.98
C ILE B 166 11.76 33.03 -8.36
N THR B 167 13.00 33.28 -8.76
CA THR B 167 13.31 33.81 -10.11
C THR B 167 12.66 32.99 -11.23
N THR B 168 12.79 31.66 -11.12
CA THR B 168 12.23 30.74 -12.09
C THR B 168 10.72 30.89 -12.23
N LEU B 169 10.05 31.01 -11.09
CA LEU B 169 8.59 31.15 -11.06
C LEU B 169 8.18 32.50 -11.58
N ASN B 170 8.74 33.55 -10.99
CA ASN B 170 8.46 34.93 -11.42
C ASN B 170 8.79 35.19 -12.90
N ALA B 171 9.79 34.49 -13.43
CA ALA B 171 10.07 34.49 -14.86
C ALA B 171 8.87 33.97 -15.67
N ALA B 172 8.09 33.07 -15.09
CA ALA B 172 6.83 32.63 -15.68
C ALA B 172 5.61 33.48 -15.27
N GLY B 173 5.86 34.66 -14.69
CA GLY B 173 4.81 35.59 -14.27
C GLY B 173 3.92 35.12 -13.11
N LEU B 174 4.47 34.34 -12.20
CA LEU B 174 3.69 33.68 -11.15
C LEU B 174 3.64 34.42 -9.82
N ASN B 175 4.48 35.46 -9.67
CA ASN B 175 4.51 36.28 -8.46
C ASN B 175 4.74 35.46 -7.20
N ALA B 176 5.95 34.92 -7.11
CA ALA B 176 6.40 34.19 -5.95
C ALA B 176 7.10 35.15 -5.00
N SER B 177 6.81 35.02 -3.71
CA SER B 177 7.53 35.79 -2.70
C SER B 177 8.01 34.86 -1.59
N ALA B 178 9.22 35.09 -1.08
CA ALA B 178 9.67 34.39 0.11
C ALA B 178 8.82 34.89 1.29
N ALA B 179 8.45 33.96 2.17
CA ALA B 179 7.72 34.31 3.38
C ALA B 179 7.99 33.31 4.49
N ASP B 180 7.82 33.78 5.73
CA ASP B 180 8.03 32.97 6.92
C ASP B 180 6.70 32.46 7.49
N ASN B 181 5.60 32.74 6.79
CA ASN B 181 4.25 32.56 7.34
C ASN B 181 3.37 31.58 6.54
N VAL B 182 3.98 30.66 5.82
CA VAL B 182 3.23 29.83 4.90
C VAL B 182 2.61 28.63 5.63
N LEU B 183 3.38 28.00 6.50
CA LEU B 183 2.86 26.86 7.25
C LEU B 183 1.71 27.30 8.15
N ALA B 184 1.79 28.51 8.69
CA ALA B 184 0.70 29.08 9.46
C ALA B 184 -0.59 29.14 8.65
N ALA B 185 -0.46 29.55 7.39
CA ALA B 185 -1.63 29.76 6.55
C ALA B 185 -2.24 28.43 6.09
N ILE B 186 -1.39 27.41 6.03
CA ILE B 186 -1.85 26.07 5.71
C ILE B 186 -2.67 25.55 6.88
N TRP B 187 -2.16 25.78 8.08
CA TRP B 187 -2.88 25.42 9.29
C TRP B 187 -4.19 26.15 9.45
N LYS B 188 -4.22 27.40 9.02
CA LYS B 188 -5.43 28.20 9.06
C LYS B 188 -6.48 27.54 8.18
N LYS B 189 -6.11 27.23 6.95
CA LYS B 189 -7.06 26.63 6.01
C LYS B 189 -7.55 25.27 6.49
N ALA B 190 -6.70 24.55 7.19
CA ALA B 190 -7.04 23.24 7.72
C ALA B 190 -7.90 23.34 9.00
N GLY B 191 -7.84 24.48 9.67
CA GLY B 191 -8.69 24.73 10.82
C GLY B 191 -10.10 24.95 10.33
N LEU B 192 -10.23 25.79 9.30
CA LEU B 192 -11.52 25.98 8.65
C LEU B 192 -12.12 24.69 8.10
N ASN B 193 -11.31 23.88 7.41
CA ASN B 193 -11.83 22.67 6.78
C ASN B 193 -12.25 21.63 7.82
N SER B 194 -11.45 21.50 8.87
CA SER B 194 -11.74 20.57 9.96
C SER B 194 -12.99 20.92 10.78
N VAL B 195 -13.54 22.12 10.61
CA VAL B 195 -14.81 22.46 11.23
C VAL B 195 -15.93 22.31 10.22
N LEU B 196 -15.86 23.06 9.12
CA LEU B 196 -16.92 23.09 8.13
C LEU B 196 -17.10 21.79 7.34
N ASN B 197 -16.03 21.13 6.91
CA ASN B 197 -16.18 19.84 6.20
C ASN B 197 -16.76 18.80 7.10
N THR B 198 -16.15 18.68 8.29
CA THR B 198 -16.45 17.60 9.23
C THR B 198 -17.88 17.67 9.77
N TYR B 199 -18.26 18.82 10.33
CA TYR B 199 -19.59 18.97 10.92
C TYR B 199 -20.70 18.91 9.89
N CYS B 200 -20.49 19.52 8.72
CA CYS B 200 -21.49 19.47 7.64
C CYS B 200 -21.74 18.04 7.19
N THR B 201 -20.67 17.25 7.16
CA THR B 201 -20.79 15.85 6.77
C THR B 201 -21.51 15.12 7.86
N LEU B 202 -21.16 15.38 9.10
CA LEU B 202 -21.80 14.70 10.22
C LEU B 202 -23.27 15.03 10.32
N PHE B 203 -23.64 16.28 10.02
CA PHE B 203 -25.04 16.70 10.12
C PHE B 203 -25.85 16.58 8.81
N ASP B 204 -25.23 16.19 7.70
CA ASP B 204 -25.88 16.23 6.39
C ASP B 204 -26.53 17.60 6.10
N CYS B 205 -25.82 18.68 6.49
CA CYS B 205 -26.25 20.05 6.22
C CYS B 205 -25.20 20.80 5.43
N ASN B 206 -25.64 21.91 4.82
CA ASN B 206 -24.73 22.83 4.14
C ASN B 206 -24.24 23.87 5.11
N ILE B 207 -23.35 24.74 4.63
CA ILE B 207 -22.61 25.68 5.46
C ILE B 207 -23.48 26.74 6.12
N GLY B 208 -24.51 27.22 5.42
CA GLY B 208 -25.46 28.15 5.99
C GLY B 208 -26.18 27.53 7.16
N GLU B 209 -26.61 26.28 6.98
CA GLU B 209 -27.34 25.57 8.02
C GLU B 209 -26.49 25.37 9.27
N PHE B 210 -25.22 25.02 9.08
CA PHE B 210 -24.29 24.97 10.19
C PHE B 210 -24.25 26.34 10.84
N GLY B 211 -24.10 27.38 10.02
CA GLY B 211 -24.07 28.75 10.51
C GLY B 211 -25.28 29.13 11.33
N ALA B 212 -26.46 28.61 10.97
CA ALA B 212 -27.68 28.93 11.70
C ALA B 212 -27.85 28.16 13.02
N LEU B 213 -26.90 27.30 13.39
CA LEU B 213 -27.03 26.45 14.60
C LEU B 213 -26.84 27.26 15.88
N LYS B 214 -27.69 27.04 16.88
CA LYS B 214 -27.60 27.80 18.14
C LYS B 214 -26.23 27.65 18.74
N ASN B 215 -25.62 26.49 18.56
CA ASN B 215 -24.34 26.15 19.19
C ASN B 215 -23.11 26.06 18.24
N TRP B 216 -23.15 26.72 17.07
CA TRP B 216 -22.04 26.64 16.12
C TRP B 216 -20.73 27.17 16.71
N GLN B 217 -20.83 28.15 17.61
CA GLN B 217 -19.66 28.74 18.23
C GLN B 217 -18.95 27.72 19.12
N THR B 218 -19.70 26.99 19.93
CA THR B 218 -19.11 25.97 20.81
C THR B 218 -18.53 24.79 20.03
N LEU B 219 -19.23 24.37 18.98
CA LEU B 219 -18.77 23.30 18.11
C LEU B 219 -17.46 23.70 17.42
N THR B 220 -17.42 24.94 16.96
CA THR B 220 -16.25 25.48 16.34
C THR B 220 -15.11 25.57 17.36
N ALA B 221 -15.37 26.25 18.48
CA ALA B 221 -14.37 26.42 19.54
C ALA B 221 -13.75 25.09 19.99
N THR B 222 -14.56 24.05 20.06
CA THR B 222 -14.09 22.77 20.50
C THR B 222 -13.03 22.21 19.58
N VAL B 223 -13.25 22.33 18.28
CA VAL B 223 -12.27 21.88 17.34
C VAL B 223 -11.06 22.78 17.39
N LEU B 224 -11.27 24.09 17.36
CA LEU B 224 -10.16 25.04 17.23
C LEU B 224 -9.27 25.19 18.45
N ASP B 225 -9.83 25.11 19.66
CA ASP B 225 -8.99 25.18 20.86
C ASP B 225 -7.93 24.08 20.87
N GLU B 226 -8.29 22.94 20.30
CA GLU B 226 -7.37 21.80 20.17
C GLU B 226 -6.31 22.05 19.12
N PHE B 227 -6.70 22.54 17.95
CA PHE B 227 -5.74 23.04 16.95
C PHE B 227 -4.76 24.02 17.57
N GLN B 228 -5.29 24.97 18.34
CA GLN B 228 -4.49 26.01 18.98
C GLN B 228 -3.45 25.38 19.89
N ALA B 229 -3.88 24.41 20.70
CA ALA B 229 -3.01 23.82 21.70
C ALA B 229 -1.89 23.02 21.03
N VAL B 230 -2.20 22.48 19.85
CA VAL B 230 -1.26 21.69 19.06
C VAL B 230 -0.33 22.56 18.20
N ALA B 231 -0.89 23.62 17.63
CA ALA B 231 -0.10 24.59 16.91
C ALA B 231 0.96 25.18 17.85
N ASP B 232 0.54 25.53 19.06
CA ASP B 232 1.45 26.06 20.06
C ASP B 232 2.57 25.09 20.36
N ALA B 233 2.22 23.83 20.60
CA ALA B 233 3.23 22.81 20.90
C ALA B 233 4.22 22.68 19.74
N ALA B 234 3.71 22.76 18.51
CA ALA B 234 4.52 22.58 17.33
C ALA B 234 5.19 23.88 16.91
N GLN B 235 4.98 24.94 17.68
CA GLN B 235 5.53 26.26 17.42
C GLN B 235 5.19 26.77 16.02
N ILE B 236 3.91 26.69 15.71
CA ILE B 236 3.37 27.30 14.50
C ILE B 236 2.37 28.35 14.93
N GLN B 237 2.40 29.49 14.24
CA GLN B 237 1.50 30.60 14.50
C GLN B 237 0.07 30.17 14.18
N PHE B 238 -0.86 30.48 15.08
CA PHE B 238 -2.24 30.09 14.86
C PHE B 238 -3.13 30.92 15.75
N SER B 239 -4.24 31.38 15.21
CA SER B 239 -5.23 32.06 16.02
C SER B 239 -6.58 31.44 15.81
N ALA B 240 -7.10 30.79 16.83
CA ALA B 240 -8.46 30.27 16.78
C ALA B 240 -9.46 31.39 16.41
N ALA B 241 -9.28 32.59 16.94
CA ALA B 241 -10.22 33.69 16.72
C ALA B 241 -10.28 34.09 15.25
N ALA B 242 -9.11 34.16 14.63
CA ALA B 242 -9.00 34.52 13.23
C ALA B 242 -9.68 33.48 12.34
N VAL B 243 -9.47 32.20 12.64
CA VAL B 243 -10.03 31.14 11.81
C VAL B 243 -11.55 31.18 11.96
N THR B 244 -12.00 31.44 13.18
CA THR B 244 -13.42 31.57 13.45
C THR B 244 -14.05 32.64 12.56
N ASP B 245 -13.38 33.79 12.43
CA ASP B 245 -13.87 34.83 11.52
C ASP B 245 -13.92 34.32 10.07
N LEU B 246 -12.86 33.66 9.63
CA LEU B 246 -12.86 33.13 8.26
C LEU B 246 -14.04 32.18 8.08
N ILE B 247 -14.23 31.30 9.08
CA ILE B 247 -15.36 30.37 9.12
C ILE B 247 -16.71 31.09 9.01
N ALA B 248 -16.92 32.11 9.85
CA ALA B 248 -18.17 32.93 9.82
C ALA B 248 -18.43 33.59 8.48
N ALA B 249 -17.37 34.01 7.80
CA ALA B 249 -17.51 34.68 6.51
C ALA B 249 -18.13 33.82 5.42
N GLN B 250 -18.13 32.51 5.61
CA GLN B 250 -18.67 31.58 4.62
C GLN B 250 -20.19 31.47 4.66
N PHE B 251 -20.77 31.72 5.83
CA PHE B 251 -22.20 31.48 6.07
C PHE B 251 -23.20 32.11 5.09
N PRO B 252 -22.95 33.36 4.69
CA PRO B 252 -23.94 34.05 3.85
C PRO B 252 -24.18 33.33 2.54
N ALA B 253 -25.43 33.30 2.10
CA ALA B 253 -25.80 32.70 0.83
C ALA B 253 -25.03 33.29 -0.37
N ALA B 254 -24.60 34.54 -0.24
CA ALA B 254 -23.79 35.18 -1.28
C ALA B 254 -22.42 34.52 -1.39
N VAL B 255 -21.95 33.97 -0.29
CA VAL B 255 -20.66 33.32 -0.25
C VAL B 255 -20.87 31.81 -0.40
N ASN B 256 -21.00 31.08 0.70
CA ASN B 256 -21.11 29.62 0.65
C ASN B 256 -22.30 29.05 1.42
N GLY B 257 -23.23 29.92 1.81
CA GLY B 257 -24.41 29.52 2.54
C GLY B 257 -25.13 28.29 2.01
N ASN B 258 -25.11 28.09 0.69
CA ASN B 258 -25.81 26.96 0.06
C ASN B 258 -24.88 25.90 -0.55
N HIS B 259 -23.65 25.87 -0.04
CA HIS B 259 -22.65 24.94 -0.52
C HIS B 259 -22.48 23.78 0.47
N TYR B 260 -22.43 22.57 -0.08
CA TYR B 260 -22.03 21.39 0.67
C TYR B 260 -20.54 21.16 0.41
N PRO B 261 -19.70 21.23 1.46
CA PRO B 261 -18.26 21.17 1.22
C PRO B 261 -17.75 19.79 0.78
N SER B 262 -16.49 19.74 0.37
CA SER B 262 -15.96 18.59 -0.36
C SER B 262 -16.14 17.27 0.37
N MET B 263 -16.01 17.30 1.70
CA MET B 263 -16.16 16.07 2.48
C MET B 263 -17.59 15.55 2.44
N HIS B 264 -18.57 16.44 2.53
CA HIS B 264 -19.98 16.04 2.41
C HIS B 264 -20.24 15.34 1.09
N GLN B 265 -19.65 15.85 0.02
CA GLN B 265 -19.85 15.29 -1.31
C GLN B 265 -19.21 13.92 -1.41
N ASP B 266 -17.99 13.82 -0.87
CA ASP B 266 -17.26 12.55 -0.82
C ASP B 266 -18.11 11.49 -0.17
N MET B 267 -18.71 11.83 0.97
CA MET B 267 -19.57 10.90 1.70
C MET B 267 -20.79 10.53 0.90
N ALA B 268 -21.41 11.53 0.28
CA ALA B 268 -22.61 11.32 -0.53
C ALA B 268 -22.34 10.37 -1.70
N ASN B 269 -21.15 10.50 -2.30
CA ASN B 269 -20.76 9.63 -3.41
C ASN B 269 -19.86 8.47 -3.00
N GLN B 270 -19.86 8.14 -1.71
CA GLN B 270 -19.20 6.92 -1.30
C GLN B 270 -17.70 6.96 -1.69
N ARG B 271 -17.10 8.14 -1.61
CA ARG B 271 -15.66 8.28 -1.76
C ARG B 271 -15.08 8.42 -0.36
N PRO B 272 -13.97 7.72 -0.09
CA PRO B 272 -13.28 7.96 1.16
C PRO B 272 -12.96 9.43 1.35
N THR B 273 -13.10 9.93 2.58
CA THR B 273 -12.85 11.35 2.88
C THR B 273 -11.42 11.55 3.32
N GLU B 274 -11.00 12.82 3.38
CA GLU B 274 -9.65 13.17 3.84
C GLU B 274 -9.58 13.39 5.36
N ILE B 275 -10.52 12.82 6.10
CA ILE B 275 -10.61 13.03 7.53
C ILE B 275 -9.32 12.73 8.30
N ASP B 276 -8.59 11.68 7.91
CA ASP B 276 -7.33 11.37 8.58
C ASP B 276 -6.29 12.46 8.34
N PHE B 277 -6.50 13.28 7.32
CA PHE B 277 -5.61 14.39 7.03
C PHE B 277 -6.21 15.75 7.40
N LEU B 278 -7.24 15.74 8.23
CA LEU B 278 -7.81 16.97 8.78
C LEU B 278 -7.80 16.80 10.29
N ASN B 279 -8.96 16.60 10.90
CA ASN B 279 -9.04 16.34 12.34
C ASN B 279 -8.21 15.14 12.75
N GLY B 280 -8.19 14.10 11.90
CA GLY B 280 -7.37 12.92 12.16
C GLY B 280 -5.91 13.27 12.33
N TYR B 281 -5.40 14.14 11.45
CA TYR B 281 -4.02 14.54 11.55
C TYR B 281 -3.69 15.42 12.77
N VAL B 282 -4.59 16.31 13.16
CA VAL B 282 -4.34 17.11 14.36
C VAL B 282 -4.29 16.25 15.62
N ALA B 283 -5.16 15.26 15.69
CA ALA B 283 -5.15 14.32 16.81
C ALA B 283 -3.83 13.57 16.90
N LYS B 284 -3.34 13.06 15.78
CA LYS B 284 -2.12 12.24 15.72
C LYS B 284 -0.90 13.04 16.18
N LEU B 285 -0.73 14.24 15.61
CA LEU B 285 0.29 15.19 16.06
C LEU B 285 0.14 15.54 17.54
N GLY B 286 -1.09 15.81 17.94
CA GLY B 286 -1.40 16.06 19.34
C GLY B 286 -0.77 15.04 20.24
N GLN B 287 -0.94 13.75 19.90
CA GLN B 287 -0.38 12.68 20.71
C GLN B 287 1.14 12.66 20.66
N GLN B 288 1.75 12.85 19.49
CA GLN B 288 3.19 13.01 19.42
C GLN B 288 3.66 14.12 20.38
N LEU B 289 2.91 15.22 20.45
CA LEU B 289 3.33 16.38 21.24
C LEU B 289 2.76 16.41 22.66
N HIS B 290 2.07 15.34 23.07
CA HIS B 290 1.47 15.24 24.41
C HIS B 290 0.47 16.35 24.64
N VAL B 291 -0.27 16.67 23.59
CA VAL B 291 -1.35 17.63 23.71
C VAL B 291 -2.64 16.85 23.56
N PRO B 292 -3.53 16.92 24.58
CA PRO B 292 -4.76 16.13 24.47
C PRO B 292 -5.65 16.63 23.33
N THR B 293 -6.19 15.71 22.54
CA THR B 293 -7.07 16.04 21.40
C THR B 293 -8.31 15.14 21.32
N PRO B 294 -9.03 14.96 22.44
CA PRO B 294 -10.10 13.95 22.46
C PRO B 294 -11.24 14.24 21.50
N ALA B 295 -11.53 15.53 21.28
CA ALA B 295 -12.64 15.93 20.42
C ALA B 295 -12.35 15.66 18.96
N ASN B 296 -11.17 16.08 18.50
CA ASN B 296 -10.75 15.75 17.14
C ASN B 296 -10.50 14.24 16.95
N ALA B 297 -10.00 13.54 17.95
CA ALA B 297 -9.91 12.08 17.81
C ALA B 297 -11.30 11.48 17.61
N LEU B 298 -12.30 12.01 18.32
CA LEU B 298 -13.65 11.45 18.30
C LEU B 298 -14.35 11.74 16.98
N LEU B 299 -14.31 13.00 16.55
CA LEU B 299 -14.92 13.38 15.27
C LEU B 299 -14.35 12.54 14.13
N THR B 300 -13.04 12.32 14.13
CA THR B 300 -12.40 11.38 13.20
C THR B 300 -13.05 9.99 13.23
N GLN B 301 -13.29 9.46 14.42
CA GLN B 301 -13.97 8.16 14.52
C GLN B 301 -15.40 8.23 13.97
N LEU B 302 -16.11 9.29 14.28
CA LEU B 302 -17.50 9.40 13.83
C LEU B 302 -17.60 9.38 12.31
N ILE B 303 -16.68 10.06 11.64
CA ILE B 303 -16.70 10.13 10.17
C ILE B 303 -16.37 8.79 9.54
N HIS B 304 -15.34 8.11 10.02
CA HIS B 304 -15.05 6.75 9.54
C HIS B 304 -16.29 5.84 9.67
N SER B 305 -16.95 5.90 10.83
CA SER B 305 -18.17 5.14 11.02
C SER B 305 -19.19 5.48 9.95
N GLN B 306 -19.47 6.76 9.76
CA GLN B 306 -20.33 7.19 8.65
C GLN B 306 -19.93 6.56 7.31
N GLU B 307 -18.65 6.57 6.97
CA GLU B 307 -18.19 5.95 5.71
C GLU B 307 -18.65 4.52 5.58
N GLN B 308 -18.39 3.77 6.64
CA GLN B 308 -18.67 2.36 6.65
C GLN B 308 -20.17 2.11 6.47
N LEU B 309 -21.02 2.96 7.03
CA LEU B 309 -22.47 2.83 6.89
C LEU B 309 -23.02 3.16 5.51
N LYS B 310 -22.37 4.10 4.83
CA LYS B 310 -22.78 4.47 3.48
C LYS B 310 -22.46 3.34 2.48
N GLN B 311 -21.29 2.72 2.60
CA GLN B 311 -20.87 1.67 1.66
C GLN B 311 -21.77 0.44 1.59
N ILE B 312 -22.56 0.22 2.64
CA ILE B 312 -23.49 -0.93 2.71
C ILE B 312 -24.51 -0.88 1.58
#